data_3WNF
#
_entry.id   3WNF
#
_cell.length_a   50.070
_cell.length_b   50.070
_cell.length_c   102.570
_cell.angle_alpha   90.00
_cell.angle_beta   90.00
_cell.angle_gamma   120.00
#
_symmetry.space_group_name_H-M   'P 32'
#
loop_
_entity.id
_entity.type
_entity.pdbx_description
1 polymer 'Gag-Pol polyprotein'
2 polymer 'CKIDNC peptide'
3 non-polymer 'CADMIUM ION'
4 non-polymer 'CHLORIDE ION'
5 non-polymer 'SULFATE ION'
6 water water
#
loop_
_entity_poly.entity_id
_entity_poly.type
_entity_poly.pdbx_seq_one_letter_code
_entity_poly.pdbx_strand_id
1 'polypeptide(L)'
;SSPGIWQLDCTHLEGKVILVAVHVASGYIEAEVIPAETGQETAYFLLKLAGRWPVKTVHTDNGSNFTGATVRAACDWAGI
KQEDGIPYNPQSQGVIESMNKELKKIIGQVRDQAEHLKTAVQMAVFIHNHKRKGGIGGYSAGERIVDIIATDIQTKE
;
A,B
2 'polypeptide(L)' (ACE)CKIDNC(NH2) C,D
#
loop_
_chem_comp.id
_chem_comp.type
_chem_comp.name
_chem_comp.formula
ACE non-polymer 'ACETYL GROUP' 'C2 H4 O'
CD non-polymer 'CADMIUM ION' 'Cd 2'
CL non-polymer 'CHLORIDE ION' 'Cl -1'
NH2 non-polymer 'AMINO GROUP' 'H2 N'
SO4 non-polymer 'SULFATE ION' 'O4 S -2'
#
# COMPACT_ATOMS: atom_id res chain seq x y z
N SER A 2 -21.45 -2.90 -1.41
CA SER A 2 -20.52 -4.06 -1.55
C SER A 2 -19.10 -3.75 -2.08
N PRO A 3 -18.94 -2.77 -3.00
CA PRO A 3 -17.62 -2.28 -3.46
C PRO A 3 -16.68 -1.82 -2.34
N GLY A 4 -17.26 -1.38 -1.22
CA GLY A 4 -16.49 -0.81 -0.12
C GLY A 4 -16.16 -1.81 0.95
N ILE A 5 -16.43 -3.08 0.76
CA ILE A 5 -16.29 -4.06 1.82
C ILE A 5 -15.00 -4.92 1.71
N TRP A 6 -14.25 -4.93 2.81
CA TRP A 6 -13.01 -5.64 2.96
C TRP A 6 -13.06 -6.57 4.16
N GLN A 7 -12.35 -7.68 4.05
CA GLN A 7 -12.16 -8.67 5.15
C GLN A 7 -10.68 -8.65 5.56
N LEU A 8 -10.42 -8.45 6.85
CA LEU A 8 -9.12 -8.43 7.38
C LEU A 8 -8.89 -9.69 8.19
N ASP A 9 -7.83 -10.44 7.90
CA ASP A 9 -7.41 -11.57 8.68
C ASP A 9 -5.93 -11.60 8.92
N CYS A 10 -5.53 -12.39 9.85
CA CYS A 10 -4.17 -12.66 10.15
C CYS A 10 -3.72 -14.03 9.87
N THR A 11 -2.44 -14.11 9.49
CA THR A 11 -1.82 -15.45 9.31
C THR A 11 -0.36 -15.40 9.77
N HIS A 12 0.27 -16.54 9.97
CA HIS A 12 1.53 -16.65 10.71
C HIS A 12 2.44 -17.60 9.95
N LEU A 13 3.67 -17.12 9.78
CA LEU A 13 4.71 -17.90 9.08
C LEU A 13 6.00 -17.50 9.66
N GLU A 14 6.87 -18.54 9.92
CA GLU A 14 8.20 -18.24 10.42
C GLU A 14 8.15 -17.37 11.61
N GLY A 15 7.09 -17.55 12.41
CA GLY A 15 6.99 -16.79 13.67
C GLY A 15 6.76 -15.27 13.60
N LYS A 16 6.41 -14.86 12.40
CA LYS A 16 6.00 -13.51 12.11
C LYS A 16 4.51 -13.48 11.81
N VAL A 17 3.98 -12.26 11.92
CA VAL A 17 2.57 -11.97 11.69
C VAL A 17 2.37 -11.23 10.37
N ILE A 18 1.45 -11.77 9.61
CA ILE A 18 1.05 -11.18 8.32
C ILE A 18 -0.42 -10.78 8.45
N LEU A 19 -0.73 -9.53 8.10
CA LEU A 19 -2.11 -9.12 7.97
C LEU A 19 -2.50 -9.15 6.49
N VAL A 20 -3.67 -9.66 6.18
CA VAL A 20 -4.20 -9.85 4.84
C VAL A 20 -5.55 -9.14 4.78
N ALA A 21 -5.70 -8.16 3.91
CA ALA A 21 -6.97 -7.52 3.62
C ALA A 21 -7.45 -7.95 2.27
N VAL A 22 -8.65 -8.55 2.19
CA VAL A 22 -9.23 -9.07 0.95
C VAL A 22 -10.40 -8.17 0.61
N HIS A 23 -10.42 -7.67 -0.61
CA HIS A 23 -11.54 -6.93 -1.14
C HIS A 23 -12.52 -8.05 -1.57
N VAL A 24 -13.62 -8.14 -0.79
CA VAL A 24 -14.49 -9.31 -0.87
C VAL A 24 -15.01 -9.53 -2.28
N ALA A 25 -15.45 -8.46 -2.96
CA ALA A 25 -16.13 -8.60 -4.29
C ALA A 25 -15.18 -9.05 -5.38
N SER A 26 -13.86 -8.87 -5.24
CA SER A 26 -12.93 -9.10 -6.35
C SER A 26 -11.89 -10.14 -6.06
N GLY A 27 -11.59 -10.37 -4.76
CA GLY A 27 -10.50 -11.24 -4.33
C GLY A 27 -9.10 -10.58 -4.29
N TYR A 28 -9.06 -9.29 -4.67
CA TYR A 28 -7.80 -8.48 -4.56
C TYR A 28 -7.29 -8.43 -3.14
N ILE A 29 -5.99 -8.56 -2.94
CA ILE A 29 -5.42 -8.51 -1.61
C ILE A 29 -4.34 -7.45 -1.41
N GLU A 30 -4.31 -6.96 -0.18
CA GLU A 30 -3.24 -6.20 0.33
C GLU A 30 -2.72 -6.96 1.51
N ALA A 31 -1.45 -7.21 1.60
CA ALA A 31 -0.90 -7.92 2.74
C ALA A 31 0.41 -7.39 3.13
N GLU A 32 0.77 -7.48 4.41
CA GLU A 32 2.13 -7.21 4.84
C GLU A 32 2.46 -7.89 6.14
N VAL A 33 3.74 -8.03 6.36
CA VAL A 33 4.26 -8.43 7.62
C VAL A 33 4.31 -7.27 8.58
N ILE A 34 3.81 -7.49 9.78
CA ILE A 34 3.86 -6.45 10.85
C ILE A 34 4.64 -7.08 12.02
N PRO A 35 5.19 -6.23 12.94
CA PRO A 35 6.07 -6.80 14.01
C PRO A 35 5.41 -7.52 15.17
N ALA A 36 4.13 -7.21 15.36
CA ALA A 36 3.33 -7.85 16.38
C ALA A 36 1.88 -7.53 16.06
N GLU A 37 0.98 -8.41 16.46
CA GLU A 37 -0.44 -8.34 16.25
C GLU A 37 -1.08 -7.47 17.36
N THR A 38 -0.80 -6.20 17.32
CA THR A 38 -1.22 -5.22 18.33
C THR A 38 -2.22 -4.25 17.69
N GLY A 39 -2.97 -3.55 18.54
CA GLY A 39 -3.83 -2.49 18.10
C GLY A 39 -3.15 -1.48 17.26
N GLN A 40 -2.00 -1.07 17.70
CA GLN A 40 -1.36 0.02 17.03
C GLN A 40 -0.93 -0.40 15.62
N GLU A 41 -0.37 -1.58 15.49
CA GLU A 41 0.05 -2.05 14.17
C GLU A 41 -1.18 -2.25 13.24
N THR A 42 -2.26 -2.70 13.83
CA THR A 42 -3.46 -3.02 13.08
C THR A 42 -4.12 -1.72 12.56
N ALA A 43 -4.13 -0.73 13.45
CA ALA A 43 -4.63 0.62 13.13
C ALA A 43 -3.86 1.22 11.99
N TYR A 44 -2.53 1.14 12.03
CA TYR A 44 -1.69 1.69 10.98
C TYR A 44 -1.94 0.99 9.63
N PHE A 45 -2.02 -0.33 9.65
CA PHE A 45 -2.37 -1.08 8.41
C PHE A 45 -3.73 -0.64 7.79
N LEU A 46 -4.71 -0.52 8.67
CA LEU A 46 -6.00 -0.02 8.16
C LEU A 46 -5.98 1.37 7.61
N LEU A 47 -5.31 2.29 8.33
CA LEU A 47 -5.15 3.67 7.85
C LEU A 47 -4.55 3.67 6.52
N LYS A 48 -3.52 2.84 6.32
CA LYS A 48 -2.84 2.77 5.00
C LYS A 48 -3.76 2.32 3.86
N LEU A 49 -4.47 1.24 4.15
CA LEU A 49 -5.44 0.69 3.22
C LEU A 49 -6.50 1.74 2.81
N ALA A 50 -7.04 2.38 3.83
CA ALA A 50 -8.13 3.34 3.61
C ALA A 50 -7.69 4.55 2.81
N GLY A 51 -6.43 4.85 2.76
CA GLY A 51 -5.95 5.89 1.91
C GLY A 51 -5.76 5.56 0.48
N ARG A 52 -5.82 4.25 0.13
CA ARG A 52 -5.50 3.76 -1.15
C ARG A 52 -6.73 3.27 -1.94
N TRP A 53 -7.79 2.92 -1.22
CA TRP A 53 -9.03 2.34 -1.79
C TRP A 53 -10.19 2.95 -1.04
N PRO A 54 -11.41 2.92 -1.60
CA PRO A 54 -12.59 3.47 -0.94
C PRO A 54 -13.21 2.45 0.01
N VAL A 55 -12.69 2.42 1.25
CA VAL A 55 -12.98 1.42 2.25
C VAL A 55 -14.13 1.91 3.12
N LYS A 56 -15.28 1.28 3.00
CA LYS A 56 -16.45 1.61 3.83
C LYS A 56 -16.55 0.76 5.09
N THR A 57 -16.35 -0.54 4.97
CA THR A 57 -16.61 -1.53 6.05
C THR A 57 -15.47 -2.53 6.00
N VAL A 58 -14.90 -2.81 7.16
CA VAL A 58 -13.85 -3.85 7.31
C VAL A 58 -14.39 -4.89 8.28
N HIS A 59 -14.51 -6.10 7.80
CA HIS A 59 -14.89 -7.19 8.69
C HIS A 59 -13.60 -7.80 9.27
N THR A 60 -13.50 -7.97 10.59
CA THR A 60 -12.32 -8.43 11.26
C THR A 60 -12.70 -9.68 12.06
N ASP A 61 -11.68 -10.24 12.69
CA ASP A 61 -11.92 -11.41 13.54
C ASP A 61 -12.36 -10.95 14.94
N ASN A 62 -12.33 -9.66 15.25
CA ASN A 62 -12.84 -9.10 16.49
C ASN A 62 -12.04 -9.57 17.72
N GLY A 63 -10.83 -10.04 17.50
CA GLY A 63 -9.93 -10.42 18.58
C GLY A 63 -9.20 -9.38 19.31
N SER A 64 -8.14 -9.68 19.97
CA SER A 64 -7.53 -8.82 20.97
C SER A 64 -7.01 -7.48 20.50
N ASN A 65 -6.59 -7.47 19.22
CA ASN A 65 -6.09 -6.26 18.65
C ASN A 65 -7.17 -5.32 18.15
N PHE A 66 -8.45 -5.63 18.42
CA PHE A 66 -9.58 -4.80 17.94
C PHE A 66 -10.34 -4.24 19.10
N THR A 67 -9.96 -4.54 20.32
CA THR A 67 -10.79 -4.11 21.46
C THR A 67 -10.32 -2.74 21.99
N GLY A 68 -9.20 -2.25 21.44
CA GLY A 68 -8.60 -1.12 22.07
C GLY A 68 -8.90 0.22 21.40
N ALA A 69 -8.24 1.24 21.91
CA ALA A 69 -8.60 2.64 21.59
C ALA A 69 -8.05 3.06 20.24
N THR A 70 -6.90 2.48 19.88
CA THR A 70 -6.17 2.97 18.71
C THR A 70 -6.86 2.56 17.38
N VAL A 71 -7.27 1.30 17.23
CA VAL A 71 -7.97 0.90 16.09
C VAL A 71 -9.33 1.70 15.87
N ARG A 72 -9.99 1.86 17.02
CA ARG A 72 -11.29 2.57 17.04
C ARG A 72 -11.03 3.99 16.50
N ALA A 73 -10.00 4.62 17.02
CA ALA A 73 -9.68 6.07 16.61
C ALA A 73 -9.32 6.15 15.15
N ALA A 74 -8.47 5.25 14.67
CA ALA A 74 -8.09 5.29 13.27
C ALA A 74 -9.26 5.04 12.36
N CYS A 75 -10.11 4.02 12.68
CA CYS A 75 -11.34 3.74 11.87
C CYS A 75 -12.36 4.91 11.82
N ASP A 76 -12.44 5.54 12.97
CA ASP A 76 -13.36 6.71 13.06
C ASP A 76 -12.93 7.83 12.06
N TRP A 77 -11.67 8.15 12.22
CA TRP A 77 -11.00 9.16 11.44
C TRP A 77 -11.21 8.87 9.95
N ALA A 78 -10.93 7.63 9.52
CA ALA A 78 -10.99 7.29 8.19
C ALA A 78 -12.34 6.94 7.59
N GLY A 79 -13.36 6.98 8.50
CA GLY A 79 -14.71 6.63 8.15
C GLY A 79 -14.96 5.18 7.79
N ILE A 80 -14.31 4.28 8.49
CA ILE A 80 -14.44 2.84 8.27
C ILE A 80 -15.32 2.37 9.38
N LYS A 81 -16.35 1.63 8.97
CA LYS A 81 -17.20 0.94 9.94
C LYS A 81 -16.67 -0.48 10.16
N GLN A 82 -16.64 -0.87 11.43
N GLN A 82 -16.65 -0.94 11.41
CA GLN A 82 -16.34 -2.22 11.83
CA GLN A 82 -16.22 -2.31 11.70
C GLN A 82 -17.59 -3.03 12.25
C GLN A 82 -17.36 -3.26 12.17
N GLU A 97 -10.36 -19.01 4.89
CA GLU A 97 -9.14 -19.76 5.22
C GLU A 97 -8.35 -20.20 3.98
N SER A 98 -9.11 -20.53 2.93
CA SER A 98 -8.63 -20.63 1.57
C SER A 98 -7.65 -19.50 1.22
N MET A 99 -7.96 -18.25 1.57
CA MET A 99 -7.08 -17.13 1.13
C MET A 99 -5.74 -17.09 1.83
N ASN A 100 -5.77 -17.26 3.14
CA ASN A 100 -4.54 -17.43 3.90
C ASN A 100 -3.74 -18.63 3.38
N LYS A 101 -4.43 -19.69 2.99
CA LYS A 101 -3.76 -20.89 2.59
C LYS A 101 -3.19 -20.72 1.19
N GLU A 102 -3.99 -20.12 0.33
CA GLU A 102 -3.49 -19.71 -1.00
C GLU A 102 -2.22 -18.82 -0.94
N LEU A 103 -2.29 -17.76 -0.15
CA LEU A 103 -1.16 -16.88 -0.03
C LEU A 103 0.06 -17.61 0.52
N LYS A 104 -0.09 -18.50 1.53
CA LYS A 104 1.04 -19.25 2.06
C LYS A 104 1.62 -20.21 1.02
N LYS A 105 0.76 -20.71 0.17
CA LYS A 105 1.22 -21.59 -0.88
C LYS A 105 2.18 -20.83 -1.82
N ILE A 106 1.69 -19.65 -2.24
CA ILE A 106 2.53 -18.79 -3.18
C ILE A 106 3.82 -18.38 -2.49
N ILE A 107 3.73 -17.94 -1.21
CA ILE A 107 4.89 -17.56 -0.48
C ILE A 107 5.93 -18.69 -0.49
N GLY A 108 5.45 -19.92 -0.36
CA GLY A 108 6.39 -21.05 -0.33
C GLY A 108 7.09 -21.27 -1.65
N GLN A 109 6.39 -20.94 -2.74
CA GLN A 109 7.00 -21.05 -4.07
C GLN A 109 8.10 -20.05 -4.34
N VAL A 110 8.02 -18.86 -3.73
CA VAL A 110 9.04 -17.81 -3.92
C VAL A 110 9.96 -17.59 -2.83
N ARG A 111 9.82 -18.33 -1.74
CA ARG A 111 10.50 -17.97 -0.52
C ARG A 111 12.01 -17.89 -0.69
N ASP A 112 12.55 -18.87 -1.46
CA ASP A 112 14.01 -18.97 -1.52
C ASP A 112 14.60 -17.88 -2.40
N GLN A 113 13.74 -17.07 -3.06
CA GLN A 113 14.18 -15.98 -3.92
C GLN A 113 14.42 -14.67 -3.14
N ALA A 114 14.09 -14.68 -1.86
CA ALA A 114 14.20 -13.50 -1.04
C ALA A 114 14.89 -13.80 0.26
N GLU A 115 15.71 -12.87 0.75
CA GLU A 115 16.34 -13.02 2.03
C GLU A 115 15.22 -12.99 3.10
N HIS A 116 14.37 -11.97 3.02
CA HIS A 116 13.44 -11.66 4.10
C HIS A 116 12.02 -12.06 3.75
N LEU A 117 11.28 -12.62 4.74
CA LEU A 117 9.92 -13.00 4.53
C LEU A 117 9.07 -11.88 3.90
N LYS A 118 9.30 -10.67 4.37
CA LYS A 118 8.48 -9.54 3.90
C LYS A 118 8.54 -9.42 2.38
N THR A 119 9.71 -9.58 1.76
CA THR A 119 9.84 -9.57 0.33
C THR A 119 8.99 -10.69 -0.34
N ALA A 120 9.16 -11.92 0.20
CA ALA A 120 8.40 -13.03 -0.33
C ALA A 120 6.89 -12.79 -0.26
N VAL A 121 6.42 -12.20 0.84
CA VAL A 121 5.01 -11.83 0.90
C VAL A 121 4.55 -10.90 -0.23
N GLN A 122 5.35 -9.87 -0.53
CA GLN A 122 4.96 -8.90 -1.55
C GLN A 122 5.07 -9.53 -2.95
N MET A 123 6.03 -10.43 -3.10
CA MET A 123 6.03 -11.22 -4.37
C MET A 123 4.75 -12.06 -4.54
N ALA A 124 4.29 -12.65 -3.42
CA ALA A 124 3.03 -13.38 -3.45
C ALA A 124 1.86 -12.55 -3.68
N VAL A 125 1.81 -11.33 -3.06
CA VAL A 125 0.77 -10.44 -3.40
C VAL A 125 0.70 -10.13 -4.89
N PHE A 126 1.88 -9.81 -5.46
CA PHE A 126 1.96 -9.52 -6.88
C PHE A 126 1.38 -10.68 -7.70
N ILE A 127 1.87 -11.82 -7.39
CA ILE A 127 1.40 -13.03 -8.14
C ILE A 127 -0.07 -13.23 -7.99
N HIS A 128 -0.57 -13.16 -6.79
CA HIS A 128 -1.98 -13.36 -6.53
C HIS A 128 -2.81 -12.38 -7.31
N ASN A 129 -2.46 -11.10 -7.22
CA ASN A 129 -3.26 -10.05 -7.80
C ASN A 129 -3.24 -9.93 -9.34
N HIS A 130 -2.13 -10.43 -9.91
CA HIS A 130 -1.94 -10.28 -11.36
C HIS A 130 -2.19 -11.58 -12.10
N LYS A 131 -2.33 -12.71 -11.43
CA LYS A 131 -2.54 -14.04 -12.12
C LYS A 131 -3.84 -13.97 -12.92
N ARG A 132 -3.80 -14.41 -14.21
CA ARG A 132 -5.00 -14.48 -15.07
C ARG A 132 -5.27 -15.93 -15.39
N TYR A 139 -10.17 -12.55 -15.83
CA TYR A 139 -9.38 -11.31 -15.54
C TYR A 139 -8.61 -11.61 -14.31
N SER A 140 -7.62 -10.77 -14.01
CA SER A 140 -6.95 -10.82 -12.71
C SER A 140 -7.81 -10.15 -11.60
N ALA A 141 -7.42 -10.46 -10.37
CA ALA A 141 -8.03 -9.69 -9.22
C ALA A 141 -7.82 -8.19 -9.29
N GLY A 142 -6.60 -7.75 -9.64
CA GLY A 142 -6.30 -6.37 -9.81
C GLY A 142 -7.19 -5.73 -10.87
N GLU A 143 -7.51 -6.47 -11.94
CA GLU A 143 -8.38 -5.92 -12.95
C GLU A 143 -9.85 -5.83 -12.43
N ARG A 144 -10.25 -6.88 -11.72
CA ARG A 144 -11.60 -6.95 -11.16
C ARG A 144 -11.90 -5.85 -10.13
N ILE A 145 -10.95 -5.56 -9.22
CA ILE A 145 -11.25 -4.48 -8.29
C ILE A 145 -11.44 -3.15 -8.91
N VAL A 146 -10.60 -2.77 -9.87
CA VAL A 146 -10.75 -1.47 -10.56
C VAL A 146 -12.11 -1.46 -11.32
N ASP A 147 -12.48 -2.58 -11.94
CA ASP A 147 -13.74 -2.63 -12.74
C ASP A 147 -14.92 -2.38 -11.83
N ILE A 148 -14.88 -3.05 -10.67
CA ILE A 148 -16.00 -2.91 -9.71
C ILE A 148 -16.12 -1.51 -9.10
N ILE A 149 -15.01 -0.92 -8.69
CA ILE A 149 -15.01 0.43 -8.21
C ILE A 149 -15.37 1.45 -9.27
N ALA A 150 -14.87 1.27 -10.48
CA ALA A 150 -15.18 2.22 -11.56
C ALA A 150 -16.66 2.17 -11.87
N THR A 151 -17.23 0.99 -11.90
CA THR A 151 -18.64 0.89 -12.20
C THR A 151 -19.45 1.54 -11.09
N ASP A 152 -19.00 1.38 -9.85
CA ASP A 152 -19.66 2.06 -8.75
C ASP A 152 -19.61 3.60 -8.86
N ILE A 153 -18.48 4.20 -9.25
CA ILE A 153 -18.36 5.66 -9.29
C ILE A 153 -19.28 6.19 -10.39
N GLN A 154 -19.45 5.39 -11.46
CA GLN A 154 -20.34 5.70 -12.58
C GLN A 154 -21.82 5.55 -12.14
N SER B 2 0.01 7.60 -20.36
CA SER B 2 -0.21 6.13 -20.21
C SER B 2 -0.65 5.82 -18.76
N PRO B 3 -1.60 4.90 -18.62
CA PRO B 3 -2.13 4.34 -17.38
C PRO B 3 -1.07 3.66 -16.51
N GLY B 4 -0.01 3.22 -17.16
CA GLY B 4 1.00 2.43 -16.46
C GLY B 4 2.20 3.17 -15.94
N ILE B 5 2.20 4.47 -16.06
CA ILE B 5 3.34 5.30 -15.76
C ILE B 5 3.24 5.99 -14.39
N TRP B 6 4.29 5.81 -13.60
CA TRP B 6 4.45 6.32 -12.27
C TRP B 6 5.78 7.06 -12.13
N GLN B 7 5.76 8.06 -11.29
CA GLN B 7 6.94 8.87 -10.96
C GLN B 7 7.26 8.65 -9.49
N LEU B 8 8.51 8.35 -9.18
CA LEU B 8 8.96 8.07 -7.89
C LEU B 8 9.89 9.18 -7.47
N ASP B 9 9.62 9.80 -6.35
CA ASP B 9 10.51 10.80 -5.74
C ASP B 9 10.67 10.62 -4.24
N CYS B 10 11.67 11.26 -3.72
CA CYS B 10 11.91 11.29 -2.33
C CYS B 10 11.78 12.62 -1.75
N THR B 11 11.39 12.60 -0.48
CA THR B 11 11.32 13.86 0.30
C THR B 11 11.68 13.58 1.78
N HIS B 12 11.99 14.63 2.54
CA HIS B 12 12.67 14.50 3.83
C HIS B 12 11.99 15.41 4.82
N LEU B 13 11.68 14.83 5.96
CA LEU B 13 11.03 15.55 7.09
C LEU B 13 11.48 14.90 8.35
N GLU B 14 11.83 15.78 9.34
CA GLU B 14 12.22 15.28 10.65
C GLU B 14 13.38 14.29 10.62
N GLY B 15 14.28 14.44 9.67
CA GLY B 15 15.39 13.52 9.62
C GLY B 15 15.08 12.15 9.05
N LYS B 16 13.87 11.97 8.51
N LYS B 16 13.91 12.01 8.45
CA LYS B 16 13.42 10.72 7.92
CA LYS B 16 13.48 10.74 7.90
C LYS B 16 13.20 10.88 6.43
C LYS B 16 13.11 10.88 6.43
N VAL B 17 13.18 9.73 5.75
CA VAL B 17 12.99 9.65 4.30
C VAL B 17 11.60 9.11 3.99
N ILE B 18 11.00 9.80 3.09
CA ILE B 18 9.68 9.42 2.57
C ILE B 18 9.82 9.20 1.07
N LEU B 19 9.34 8.06 0.56
CA LEU B 19 9.26 7.85 -0.88
C LEU B 19 7.81 8.09 -1.34
N VAL B 20 7.65 8.77 -2.42
CA VAL B 20 6.36 9.19 -2.94
C VAL B 20 6.27 8.69 -4.36
N ALA B 21 5.29 7.85 -4.65
CA ALA B 21 5.00 7.41 -6.02
C ALA B 21 3.75 8.05 -6.50
N VAL B 22 3.81 8.77 -7.63
CA VAL B 22 2.69 9.48 -8.16
C VAL B 22 2.27 8.80 -9.47
N HIS B 23 1.00 8.44 -9.57
CA HIS B 23 0.43 7.94 -10.85
C HIS B 23 0.20 9.19 -11.69
N VAL B 24 0.96 9.28 -12.79
CA VAL B 24 1.10 10.60 -13.42
C VAL B 24 -0.22 11.01 -14.03
N ALA B 25 -0.95 10.07 -14.63
CA ALA B 25 -2.21 10.46 -15.29
C ALA B 25 -3.29 10.93 -14.32
N SER B 26 -3.26 10.54 -13.05
CA SER B 26 -4.37 10.82 -12.15
C SER B 26 -4.01 11.71 -10.97
N GLY B 27 -2.72 11.75 -10.57
CA GLY B 27 -2.22 12.43 -9.38
C GLY B 27 -2.36 11.61 -8.10
N TYR B 28 -2.87 10.37 -8.22
CA TYR B 28 -2.93 9.42 -7.09
C TYR B 28 -1.57 9.16 -6.51
N ILE B 29 -1.49 8.96 -5.20
N ILE B 29 -1.41 9.18 -5.20
CA ILE B 29 -0.23 8.85 -4.48
CA ILE B 29 -0.12 8.87 -4.60
C ILE B 29 -0.18 7.56 -3.65
C ILE B 29 -0.13 7.69 -3.63
N GLU B 30 1.02 7.01 -3.60
CA GLU B 30 1.40 6.05 -2.61
C GLU B 30 2.61 6.61 -1.96
N ALA B 31 2.65 6.67 -0.68
CA ALA B 31 3.86 7.15 0.03
C ALA B 31 4.13 6.40 1.32
N GLU B 32 5.38 6.32 1.72
CA GLU B 32 5.79 5.58 2.91
C GLU B 32 7.04 6.26 3.45
N VAL B 33 7.19 6.35 4.79
CA VAL B 33 8.48 6.48 5.42
C VAL B 33 9.27 5.23 5.32
N ILE B 34 10.52 5.35 4.89
CA ILE B 34 11.47 4.19 4.89
C ILE B 34 12.68 4.54 5.76
N PRO B 35 13.47 3.52 6.23
CA PRO B 35 14.54 3.85 7.25
C PRO B 35 15.80 4.52 6.74
N ALA B 36 16.01 4.39 5.40
CA ALA B 36 17.15 4.90 4.71
C ALA B 36 16.84 4.82 3.23
N GLU B 37 17.40 5.75 2.47
CA GLU B 37 17.27 5.88 1.02
C GLU B 37 18.29 4.96 0.31
N THR B 38 18.07 3.66 0.44
CA THR B 38 18.96 2.61 -0.04
C THR B 38 18.28 1.84 -1.17
N GLY B 39 19.09 1.17 -1.97
CA GLY B 39 18.58 0.30 -2.96
C GLY B 39 17.63 -0.72 -2.44
N GLN B 40 17.94 -1.31 -1.29
CA GLN B 40 17.10 -2.38 -0.84
C GLN B 40 15.72 -1.85 -0.43
N GLU B 41 15.70 -0.70 0.25
CA GLU B 41 14.44 -0.14 0.67
C GLU B 41 13.61 0.32 -0.57
N THR B 42 14.30 0.86 -1.57
CA THR B 42 13.65 1.37 -2.75
C THR B 42 13.01 0.20 -3.61
N ALA B 43 13.78 -0.90 -3.67
CA ALA B 43 13.34 -2.11 -4.34
C ALA B 43 12.09 -2.70 -3.69
N TYR B 44 12.05 -2.72 -2.36
CA TYR B 44 10.92 -3.22 -1.63
C TYR B 44 9.69 -2.35 -1.88
N PHE B 45 9.89 -1.02 -1.80
CA PHE B 45 8.76 -0.11 -2.06
C PHE B 45 8.16 -0.30 -3.48
N LEU B 46 9.05 -0.41 -4.42
CA LEU B 46 8.57 -0.66 -5.81
C LEU B 46 7.89 -2.01 -6.04
N LEU B 47 8.44 -3.05 -5.42
CA LEU B 47 7.82 -4.39 -5.46
C LEU B 47 6.42 -4.29 -4.91
N LYS B 48 6.29 -3.60 -3.78
CA LYS B 48 4.97 -3.40 -3.13
C LYS B 48 3.95 -2.70 -4.04
N LEU B 49 4.41 -1.58 -4.60
CA LEU B 49 3.59 -0.85 -5.52
C LEU B 49 3.07 -1.70 -6.72
N ALA B 50 4.05 -2.41 -7.28
CA ALA B 50 3.78 -3.16 -8.55
C ALA B 50 2.80 -4.30 -8.30
N GLY B 51 2.67 -4.76 -7.07
CA GLY B 51 1.68 -5.73 -6.75
C GLY B 51 0.29 -5.29 -6.60
N ARG B 52 0.07 -3.96 -6.47
CA ARG B 52 -1.16 -3.34 -6.16
C ARG B 52 -1.82 -2.64 -7.32
N TRP B 53 -1.01 -2.18 -8.25
CA TRP B 53 -1.41 -1.43 -9.49
C TRP B 53 -0.67 -1.99 -10.71
N PRO B 54 -1.17 -1.74 -11.96
CA PRO B 54 -0.50 -2.21 -13.16
C PRO B 54 0.58 -1.29 -13.62
N VAL B 55 1.77 -1.49 -13.01
CA VAL B 55 2.91 -0.57 -13.10
C VAL B 55 3.80 -1.01 -14.30
N LYS B 56 3.83 -0.23 -15.36
CA LYS B 56 4.66 -0.53 -16.55
C LYS B 56 6.02 0.20 -16.51
N THR B 57 6.03 1.47 -16.13
CA THR B 57 7.26 2.27 -16.20
C THR B 57 7.25 3.11 -14.94
N VAL B 58 8.41 3.29 -14.34
N VAL B 58 8.41 3.22 -14.34
CA VAL B 58 8.55 4.14 -13.16
CA VAL B 58 8.62 4.13 -13.25
C VAL B 58 9.73 5.11 -13.36
C VAL B 58 9.68 5.12 -13.70
N HIS B 59 9.40 6.39 -13.49
CA HIS B 59 10.41 7.37 -13.72
C HIS B 59 10.98 7.78 -12.38
N THR B 60 12.29 7.70 -12.20
CA THR B 60 12.91 8.00 -10.97
C THR B 60 13.95 9.14 -11.13
N ASP B 61 14.53 9.55 -10.01
CA ASP B 61 15.57 10.58 -10.04
C ASP B 61 16.95 10.02 -10.46
N ASN B 62 17.11 8.73 -10.58
CA ASN B 62 18.27 8.13 -11.16
C ASN B 62 19.52 8.28 -10.25
N GLY B 63 19.27 8.61 -8.97
CA GLY B 63 20.35 8.76 -7.99
C GLY B 63 20.92 7.54 -7.38
N SER B 64 21.57 7.64 -6.27
CA SER B 64 22.40 6.61 -5.73
C SER B 64 21.74 5.25 -5.38
N ASN B 65 20.46 5.34 -5.04
CA ASN B 65 19.69 4.18 -4.70
C ASN B 65 19.12 3.45 -5.91
N PHE B 66 19.49 3.89 -7.12
CA PHE B 66 19.04 3.22 -8.37
C PHE B 66 20.15 2.62 -9.12
N THR B 67 21.36 2.75 -8.67
CA THR B 67 22.51 2.28 -9.48
C THR B 67 22.86 0.83 -9.14
N GLY B 68 22.16 0.20 -8.17
CA GLY B 68 22.63 -1.06 -7.69
C GLY B 68 21.83 -2.23 -8.21
N ALA B 69 22.20 -3.34 -7.67
CA ALA B 69 21.75 -4.67 -8.18
C ALA B 69 20.33 -4.98 -7.76
N THR B 70 19.92 -4.51 -6.61
CA THR B 70 18.65 -4.97 -6.02
C THR B 70 17.42 -4.21 -6.66
N VAL B 71 17.38 -2.87 -6.91
CA VAL B 71 16.30 -2.29 -7.62
C VAL B 71 16.12 -2.93 -9.03
N ARG B 72 17.30 -3.12 -9.65
CA ARG B 72 17.31 -3.68 -11.02
C ARG B 72 16.64 -5.06 -10.94
N ALA B 73 17.01 -5.86 -9.96
CA ALA B 73 16.44 -7.29 -9.86
C ALA B 73 15.00 -7.25 -9.56
N ALA B 74 14.56 -6.38 -8.64
CA ALA B 74 13.12 -6.29 -8.33
C ALA B 74 12.30 -5.82 -9.49
N CYS B 75 12.76 -4.75 -10.20
CA CYS B 75 12.10 -4.22 -11.39
C CYS B 75 11.99 -5.24 -12.54
N ASP B 76 13.07 -6.00 -12.68
CA ASP B 76 13.05 -7.06 -13.73
C ASP B 76 11.93 -8.06 -13.43
N TRP B 77 11.97 -8.54 -12.22
CA TRP B 77 11.00 -9.53 -11.74
C TRP B 77 9.57 -9.04 -11.99
N ALA B 78 9.27 -7.82 -11.58
CA ALA B 78 7.98 -7.28 -11.70
C ALA B 78 7.52 -6.74 -13.01
N GLY B 79 8.46 -6.77 -13.99
CA GLY B 79 8.23 -6.25 -15.30
C GLY B 79 8.08 -4.72 -15.37
N ILE B 80 8.87 -3.99 -14.60
CA ILE B 80 8.77 -2.52 -14.61
C ILE B 80 10.01 -2.09 -15.34
N LYS B 81 9.75 -1.20 -16.30
CA LYS B 81 10.86 -0.55 -17.02
C LYS B 81 11.19 0.76 -16.31
N GLN B 82 12.50 0.99 -16.10
CA GLN B 82 13.05 2.27 -15.67
C GLN B 82 13.59 3.03 -16.89
N SER B 98 5.87 20.86 -6.31
CA SER B 98 4.43 20.76 -6.27
C SER B 98 3.98 19.60 -5.38
N MET B 99 4.29 18.35 -5.73
CA MET B 99 3.67 17.21 -4.99
C MET B 99 4.32 16.87 -3.65
N ASN B 100 5.65 16.85 -3.65
CA ASN B 100 6.35 16.82 -2.40
C ASN B 100 5.95 18.00 -1.52
N LYS B 101 5.77 19.18 -2.10
CA LYS B 101 5.41 20.35 -1.28
C LYS B 101 3.96 20.23 -0.78
N GLU B 102 3.09 19.78 -1.66
CA GLU B 102 1.72 19.55 -1.26
C GLU B 102 1.57 18.55 -0.13
N LEU B 103 2.25 17.44 -0.29
CA LEU B 103 2.15 16.41 0.68
C LEU B 103 2.69 16.91 2.04
N LYS B 104 3.81 17.70 2.09
CA LYS B 104 4.40 18.18 3.35
C LYS B 104 3.44 19.19 3.97
N LYS B 105 2.72 19.89 3.12
CA LYS B 105 1.74 20.86 3.64
C LYS B 105 0.64 20.09 4.43
N ILE B 106 0.14 19.03 3.79
CA ILE B 106 -0.94 18.23 4.47
C ILE B 106 -0.37 17.59 5.71
N ILE B 107 0.86 17.02 5.67
CA ILE B 107 1.46 16.41 6.81
C ILE B 107 1.51 17.39 7.97
N GLY B 108 1.82 18.63 7.62
CA GLY B 108 1.86 19.63 8.70
C GLY B 108 0.53 19.89 9.36
N GLN B 109 -0.53 19.79 8.57
CA GLN B 109 -1.91 19.99 9.09
C GLN B 109 -2.30 18.93 10.12
N VAL B 110 -1.77 17.70 9.98
CA VAL B 110 -2.17 16.57 10.80
C VAL B 110 -1.16 16.11 11.75
N ARG B 111 0.04 16.66 11.67
CA ARG B 111 1.17 16.11 12.39
C ARG B 111 0.93 15.89 13.91
N ASP B 112 0.29 16.90 14.51
CA ASP B 112 0.07 16.82 15.95
C ASP B 112 -0.97 15.78 16.36
N GLN B 113 -1.64 15.15 15.39
CA GLN B 113 -2.66 14.08 15.63
C GLN B 113 -2.06 12.71 15.74
N ALA B 114 -0.75 12.60 15.51
CA ALA B 114 -0.04 11.36 15.52
C ALA B 114 1.25 11.43 16.30
N GLU B 115 1.58 10.35 17.02
CA GLU B 115 2.86 10.26 17.69
C GLU B 115 3.95 10.22 16.63
N HIS B 116 3.76 9.37 15.64
CA HIS B 116 4.84 9.00 14.74
C HIS B 116 4.64 9.59 13.37
N LEU B 117 5.73 10.11 12.75
CA LEU B 117 5.65 10.67 11.44
C LEU B 117 4.94 9.74 10.43
N LYS B 118 5.24 8.45 10.53
CA LYS B 118 4.67 7.49 9.55
C LYS B 118 3.14 7.58 9.52
N THR B 119 2.52 7.74 10.69
CA THR B 119 1.07 7.84 10.74
C THR B 119 0.57 9.12 10.04
N ALA B 120 1.21 10.26 10.39
CA ALA B 120 0.91 11.47 9.73
C ALA B 120 1.03 11.41 8.21
N VAL B 121 2.06 10.74 7.72
CA VAL B 121 2.19 10.56 6.28
C VAL B 121 0.98 9.83 5.65
N GLN B 122 0.51 8.77 6.35
CA GLN B 122 -0.59 8.01 5.79
C GLN B 122 -1.94 8.73 5.91
N MET B 123 -2.05 9.57 6.93
CA MET B 123 -3.20 10.46 6.99
C MET B 123 -3.18 11.43 5.81
N ALA B 124 -2.01 12.00 5.49
CA ALA B 124 -1.85 12.82 4.35
C ALA B 124 -2.12 12.20 3.05
N VAL B 125 -1.62 10.98 2.86
CA VAL B 125 -2.02 10.23 1.71
C VAL B 125 -3.52 10.08 1.54
N PHE B 126 -4.18 9.73 2.65
CA PHE B 126 -5.63 9.60 2.63
C PHE B 126 -6.32 10.89 2.16
N ILE B 127 -5.90 11.93 2.81
CA ILE B 127 -6.46 13.27 2.48
C ILE B 127 -6.24 13.60 1.05
N HIS B 128 -5.03 13.48 0.59
CA HIS B 128 -4.65 13.81 -0.78
C HIS B 128 -5.49 13.04 -1.76
N ASN B 129 -5.60 11.73 -1.57
CA ASN B 129 -6.23 10.88 -2.52
C ASN B 129 -7.79 10.89 -2.53
N HIS B 130 -8.36 11.35 -1.42
CA HIS B 130 -9.83 11.33 -1.32
C HIS B 130 -10.41 12.74 -1.42
N LYS B 131 -9.57 13.75 -1.39
CA LYS B 131 -10.09 15.18 -1.48
C LYS B 131 -10.78 15.40 -2.79
N ARG B 132 -11.97 16.03 -2.76
CA ARG B 132 -12.59 16.31 -4.02
C ARG B 132 -13.33 17.64 -4.04
N LYS B 133 -13.40 18.22 -5.21
CA LYS B 133 -14.16 19.50 -5.33
C LYS B 133 -15.63 19.36 -5.73
N GLY B 134 -16.05 18.18 -6.17
CA GLY B 134 -17.46 17.98 -6.53
C GLY B 134 -17.82 18.20 -8.01
N GLY B 138 -13.95 18.06 -9.58
CA GLY B 138 -15.03 17.11 -9.42
C GLY B 138 -14.51 15.98 -8.56
N TYR B 139 -13.89 15.00 -9.23
CA TYR B 139 -13.50 13.73 -8.62
C TYR B 139 -12.20 13.80 -7.85
N SER B 140 -12.03 12.81 -6.98
CA SER B 140 -10.76 12.68 -6.26
C SER B 140 -9.71 11.94 -7.15
N ALA B 141 -8.49 12.04 -6.69
CA ALA B 141 -7.41 11.21 -7.32
C ALA B 141 -7.65 9.70 -7.26
N GLY B 142 -8.16 9.19 -6.12
CA GLY B 142 -8.48 7.81 -6.06
C GLY B 142 -9.56 7.43 -7.08
N GLU B 143 -10.55 8.32 -7.31
CA GLU B 143 -11.53 8.03 -8.30
C GLU B 143 -10.94 8.06 -9.74
N ARG B 144 -10.09 9.07 -9.98
CA ARG B 144 -9.44 9.23 -11.31
C ARG B 144 -8.56 8.05 -11.67
N ILE B 145 -7.73 7.51 -10.73
CA ILE B 145 -6.93 6.37 -11.09
C ILE B 145 -7.71 5.14 -11.49
N VAL B 146 -8.78 4.81 -10.73
CA VAL B 146 -9.60 3.65 -11.03
C VAL B 146 -10.25 3.86 -12.42
N ASP B 147 -10.72 5.09 -12.70
CA ASP B 147 -11.47 5.37 -13.96
C ASP B 147 -10.50 5.17 -15.14
N ILE B 148 -9.27 5.64 -15.00
CA ILE B 148 -8.25 5.48 -16.06
C ILE B 148 -7.79 4.03 -16.27
N ILE B 149 -7.57 3.29 -15.22
CA ILE B 149 -7.19 1.91 -15.41
C ILE B 149 -8.32 1.07 -15.94
N ALA B 150 -9.54 1.35 -15.50
CA ALA B 150 -10.70 0.56 -15.98
C ALA B 150 -10.96 0.87 -17.46
N THR B 151 -10.81 2.12 -17.86
CA THR B 151 -11.03 2.46 -19.26
C THR B 151 -9.99 1.78 -20.13
N ASP B 152 -8.76 1.74 -19.64
CA ASP B 152 -7.73 0.98 -20.33
C ASP B 152 -7.92 -0.55 -20.39
N ILE B 153 -8.63 -1.18 -19.44
CA ILE B 153 -8.85 -2.63 -19.47
C ILE B 153 -9.90 -2.93 -20.53
C ACE C 1 22.18 -14.13 -4.96
O ACE C 1 21.95 -13.52 -3.89
CH3 ACE C 1 23.11 -15.32 -5.06
N CYS C 2 21.63 -13.79 -6.15
CA CYS C 2 20.82 -12.61 -6.39
C CYS C 2 19.35 -12.76 -6.00
N LYS C 3 19.07 -12.23 -4.79
CA LYS C 3 17.69 -12.24 -4.31
C LYS C 3 17.11 -10.91 -4.59
N ILE C 4 15.83 -10.88 -4.66
CA ILE C 4 14.99 -9.71 -4.95
C ILE C 4 15.19 -8.61 -3.94
N ASP C 5 15.73 -9.00 -2.75
CA ASP C 5 16.03 -8.00 -1.70
C ASP C 5 17.47 -7.97 -1.34
N ASN C 6 18.32 -8.67 -2.03
CA ASN C 6 19.72 -8.62 -1.71
C ASN C 6 20.46 -9.24 -2.86
N CYS C 7 20.66 -8.39 -3.89
CA CYS C 7 21.43 -8.84 -5.08
C CYS C 7 22.86 -8.19 -4.98
N NH2 C 8 23.11 -7.01 -4.40
C ACE D 1 -4.12 11.62 23.14
O ACE D 1 -3.12 10.93 22.94
CH3 ACE D 1 -4.02 12.91 23.95
N CYS D 2 -5.37 11.38 22.66
CA CYS D 2 -5.79 10.29 21.77
C CYS D 2 -5.32 10.54 20.36
N LYS D 3 -4.18 9.88 20.07
CA LYS D 3 -3.63 10.07 18.72
C LYS D 3 -4.05 8.90 17.93
N ILE D 4 -4.04 9.07 16.63
CA ILE D 4 -4.40 8.05 15.62
C ILE D 4 -3.53 6.80 15.72
N ASP D 5 -2.34 6.90 16.35
CA ASP D 5 -1.43 5.78 16.60
C ASP D 5 -1.18 5.56 18.07
N ASN D 6 -1.82 6.24 19.03
CA ASN D 6 -1.61 6.00 20.40
C ASN D 6 -2.73 6.69 21.15
N CYS D 7 -3.83 5.94 21.29
CA CYS D 7 -5.03 6.43 22.02
C CYS D 7 -5.10 5.63 23.33
N NH2 D 8 -4.73 4.35 23.42
CD CD E . -6.14 -11.89 14.35
CD CD F . -3.06 -13.98 14.53
CL CL G . -6.03 -9.83 13.00
S SO4 H . 13.60 -11.94 8.04
O1 SO4 H . 13.21 -10.54 7.75
O2 SO4 H . 12.89 -13.04 7.29
O3 SO4 H . 14.96 -11.52 8.05
O4 SO4 H . 13.47 -12.34 9.50
S SO4 I . -2.54 -19.29 10.50
O1 SO4 I . -2.82 -20.76 10.75
O2 SO4 I . -3.01 -18.44 11.64
O3 SO4 I . -1.09 -19.08 10.40
O4 SO4 I . -3.38 -18.94 9.31
S SO4 J . -4.75 -0.09 21.37
O1 SO4 J . -4.79 -1.20 22.33
O2 SO4 J . -5.07 1.18 22.08
O3 SO4 J . -3.30 0.04 21.22
O4 SO4 J . -5.64 -0.23 20.03
CD CD K . 16.37 11.96 -0.92
CD CD L . 16.11 10.26 -4.24
CL CL M . 14.52 8.38 -4.44
S SO4 N . 8.69 8.85 15.09
O1 SO4 N . 8.22 10.06 14.42
O2 SO4 N . 8.36 7.53 14.48
O3 SO4 N . 10.16 9.10 15.21
O4 SO4 N . 8.34 8.49 16.44
S SO4 O . 13.01 17.58 0.11
O1 SO4 O . 11.92 17.42 -0.90
O2 SO4 O . 12.83 17.32 1.52
O3 SO4 O . 14.10 16.68 -0.31
O4 SO4 O . 13.45 19.02 -0.06
S SO4 P . 21.63 -2.41 -4.13
O1 SO4 P . 21.35 -2.71 -2.70
O2 SO4 P . 22.63 -1.33 -3.95
O3 SO4 P . 22.27 -3.71 -4.52
O4 SO4 P . 20.36 -1.97 -5.02
#